data_3LPS
#
_entry.id   3LPS
#
_cell.length_a   105.120
_cell.length_b   105.120
_cell.length_c   135.969
_cell.angle_alpha   90.00
_cell.angle_beta   90.00
_cell.angle_gamma   90.00
#
_symmetry.space_group_name_H-M   'P 42 21 2'
#
loop_
_entity.id
_entity.type
_entity.pdbx_description
1 polymer 'Topoisomerase IV subunit B'
2 non-polymer NOVOBIOCIN
3 water water
#
_entity_poly.entity_id   1
_entity_poly.type   'polypeptide(L)'
_entity_poly.pdbx_seq_one_letter_code
;MGSSHHHHHHSSGLVPRGSHNTRYNAADIEVLSGLDPVKRRPGMYTDTARPNHLAQEVIDNSVDEALAGHAKQIEVTLYK
DGSCEVSDDGRGMPVDIHPEEKIPGVELILTRLHAGGKFNNRNYTFSGGLHGVGVSVVNALSTKVELFIKREGSEHRMEF
RDGNAASKLEVVGTVGKKNTGTRLRFWADPKYFDTPKFNVRALRHLLRAKAVLCPGLTVKLHDEATGEQDSWYFENGLRD
YLKGEMAEHEMLPADLFVGSLKKDTEIVDWAAGWVPEGELVQESYVNLIPTAQHGTHVNGLRSGLTDALREFCDFRNLLP
RGVKLAPEDVWDRVTFVLSLKMTDPQFSGQTKERLSSRQAAGFIEGAAHDAFSLYLNQNVEIGEKIAQIAIDRASARLKT
EKQIVRKK
;
_entity_poly.pdbx_strand_id   A
#
# COMPACT_ATOMS: atom_id res chain seq x y z
N GLY A 34 -16.82 -2.35 24.25
CA GLY A 34 -17.05 -3.84 24.20
C GLY A 34 -16.88 -4.43 22.81
N LEU A 35 -16.60 -5.73 22.74
CA LEU A 35 -16.39 -6.42 21.47
C LEU A 35 -17.62 -7.22 21.01
N ASP A 36 -18.59 -7.36 21.91
CA ASP A 36 -19.81 -8.11 21.60
C ASP A 36 -20.47 -7.70 20.27
N PRO A 37 -20.50 -6.40 19.96
CA PRO A 37 -21.12 -5.99 18.69
C PRO A 37 -20.43 -6.64 17.49
N VAL A 38 -19.10 -6.76 17.57
CA VAL A 38 -18.33 -7.35 16.49
C VAL A 38 -18.66 -8.84 16.35
N LYS A 39 -18.82 -9.51 17.48
CA LYS A 39 -19.14 -10.93 17.49
C LYS A 39 -20.55 -11.21 16.97
N ARG A 40 -21.46 -10.26 17.18
CA ARG A 40 -22.85 -10.41 16.74
C ARG A 40 -22.97 -10.23 15.24
N ARG A 41 -22.31 -9.21 14.69
CA ARG A 41 -22.32 -8.93 13.26
C ARG A 41 -20.91 -8.72 12.72
N PRO A 42 -20.12 -9.81 12.63
CA PRO A 42 -18.74 -9.70 12.12
C PRO A 42 -18.63 -9.13 10.71
N GLY A 43 -19.64 -9.37 9.89
CA GLY A 43 -19.64 -8.88 8.53
C GLY A 43 -19.64 -7.37 8.45
N MET A 44 -19.96 -6.72 9.57
CA MET A 44 -19.97 -5.28 9.59
C MET A 44 -18.60 -4.74 9.97
N TYR A 45 -17.69 -5.61 10.39
CA TYR A 45 -16.35 -5.20 10.78
C TYR A 45 -15.20 -5.82 9.97
N THR A 46 -15.49 -6.88 9.23
CA THR A 46 -14.47 -7.54 8.42
C THR A 46 -15.09 -8.33 7.27
N ASP A 47 -14.25 -8.90 6.43
CA ASP A 47 -14.73 -9.72 5.32
C ASP A 47 -14.75 -11.13 5.87
N THR A 48 -15.95 -11.64 6.11
CA THR A 48 -16.11 -12.98 6.68
C THR A 48 -15.88 -14.12 5.70
N ALA A 49 -15.45 -13.81 4.48
CA ALA A 49 -15.19 -14.88 3.50
C ALA A 49 -14.03 -15.73 4.01
N ARG A 50 -13.00 -15.04 4.50
CA ARG A 50 -11.79 -15.67 5.02
C ARG A 50 -11.07 -14.66 5.92
N PRO A 51 -10.04 -15.10 6.65
CA PRO A 51 -9.29 -14.23 7.57
C PRO A 51 -8.30 -13.22 6.98
N ASN A 52 -8.19 -13.14 5.66
CA ASN A 52 -7.26 -12.20 5.05
C ASN A 52 -7.40 -10.78 5.58
N HIS A 53 -8.62 -10.27 5.68
CA HIS A 53 -8.80 -8.91 6.17
C HIS A 53 -8.24 -8.74 7.58
N LEU A 54 -8.49 -9.71 8.45
CA LEU A 54 -7.96 -9.64 9.81
C LEU A 54 -6.45 -9.47 9.71
N ALA A 55 -5.81 -10.25 8.87
CA ALA A 55 -4.36 -10.13 8.71
C ALA A 55 -3.99 -8.74 8.25
N GLN A 56 -4.78 -8.18 7.32
CA GLN A 56 -4.52 -6.84 6.82
C GLN A 56 -4.50 -5.81 7.94
N GLU A 57 -5.46 -5.92 8.87
CA GLU A 57 -5.54 -4.99 9.99
C GLU A 57 -4.25 -5.01 10.79
N VAL A 58 -3.76 -6.21 11.08
CA VAL A 58 -2.54 -6.34 11.86
C VAL A 58 -1.37 -5.83 11.05
N ILE A 59 -1.35 -6.14 9.77
CA ILE A 59 -0.28 -5.68 8.90
C ILE A 59 -0.27 -4.15 8.84
N ASP A 60 -1.44 -3.54 8.70
CA ASP A 60 -1.52 -2.08 8.63
C ASP A 60 -0.89 -1.42 9.85
N ASN A 61 -1.17 -1.96 11.04
CA ASN A 61 -0.59 -1.39 12.25
C ASN A 61 0.94 -1.45 12.21
N SER A 62 1.50 -2.49 11.61
CA SER A 62 2.95 -2.54 11.54
C SER A 62 3.46 -1.55 10.48
N VAL A 63 2.71 -1.45 9.38
CA VAL A 63 3.07 -0.53 8.31
C VAL A 63 3.08 0.92 8.83
N ASP A 64 2.15 1.26 9.71
CA ASP A 64 2.16 2.63 10.24
C ASP A 64 3.50 2.93 10.89
N GLU A 65 4.06 1.95 11.61
CA GLU A 65 5.35 2.16 12.25
C GLU A 65 6.44 2.40 11.18
N ALA A 66 6.30 1.75 10.03
CA ALA A 66 7.28 1.92 8.95
C ALA A 66 7.11 3.31 8.30
N LEU A 67 5.87 3.71 8.08
CA LEU A 67 5.58 5.01 7.49
C LEU A 67 6.07 6.12 8.41
N ALA A 68 6.12 5.83 9.72
CA ALA A 68 6.58 6.81 10.68
C ALA A 68 8.10 6.79 10.81
N GLY A 69 8.75 5.92 10.03
CA GLY A 69 10.19 5.84 10.07
C GLY A 69 10.75 5.08 11.27
N HIS A 70 9.93 4.27 11.92
CA HIS A 70 10.40 3.51 13.08
C HIS A 70 10.70 2.05 12.74
N ALA A 71 9.92 1.47 11.85
CA ALA A 71 10.11 0.08 11.46
C ALA A 71 10.73 -0.04 10.07
N LYS A 72 11.56 -1.06 9.88
CA LYS A 72 12.20 -1.29 8.60
C LYS A 72 12.02 -2.75 8.20
N GLN A 73 11.44 -3.55 9.08
CA GLN A 73 11.27 -4.96 8.81
C GLN A 73 9.92 -5.50 9.30
N ILE A 74 9.21 -6.19 8.42
CA ILE A 74 7.91 -6.77 8.79
C ILE A 74 7.86 -8.21 8.27
N GLU A 75 7.53 -9.17 9.13
CA GLU A 75 7.43 -10.58 8.71
C GLU A 75 6.06 -11.15 8.95
N VAL A 76 5.51 -11.81 7.95
CA VAL A 76 4.20 -12.42 8.14
C VAL A 76 4.35 -13.93 8.04
N THR A 77 3.75 -14.65 8.97
CA THR A 77 3.81 -16.10 8.96
C THR A 77 2.41 -16.68 9.02
N LEU A 78 2.12 -17.62 8.12
CA LEU A 78 0.83 -18.31 8.07
C LEU A 78 1.16 -19.72 8.52
N TYR A 79 0.58 -20.14 9.63
CA TYR A 79 0.85 -21.46 10.20
C TYR A 79 -0.14 -22.54 9.79
N LYS A 80 0.31 -23.80 9.83
CA LYS A 80 -0.55 -24.92 9.48
C LYS A 80 -1.75 -24.97 10.41
N ASP A 81 -1.60 -24.47 11.64
CA ASP A 81 -2.72 -24.49 12.59
C ASP A 81 -3.77 -23.44 12.24
N GLY A 82 -3.56 -22.73 11.14
CA GLY A 82 -4.51 -21.71 10.71
C GLY A 82 -4.28 -20.33 11.28
N SER A 83 -3.30 -20.19 12.17
CA SER A 83 -3.03 -18.88 12.75
C SER A 83 -2.16 -18.03 11.84
N CYS A 84 -2.09 -16.75 12.14
CA CYS A 84 -1.29 -15.82 11.35
C CYS A 84 -0.53 -14.94 12.31
N GLU A 85 0.75 -14.71 12.02
CA GLU A 85 1.53 -13.85 12.87
C GLU A 85 2.17 -12.75 12.04
N VAL A 86 2.27 -11.57 12.65
CA VAL A 86 2.84 -10.40 12.01
C VAL A 86 3.83 -9.84 13.00
N SER A 87 5.08 -9.72 12.56
CA SER A 87 6.15 -9.24 13.42
C SER A 87 6.85 -8.03 12.77
N ASP A 88 7.13 -7.02 13.59
CA ASP A 88 7.80 -5.82 13.10
C ASP A 88 8.88 -5.36 14.08
N ASP A 89 9.76 -4.49 13.62
CA ASP A 89 10.84 -3.97 14.46
C ASP A 89 10.55 -2.48 14.75
N GLY A 90 9.27 -2.18 15.00
CA GLY A 90 8.86 -0.82 15.31
C GLY A 90 9.17 -0.47 16.76
N ARG A 91 8.52 0.57 17.28
CA ARG A 91 8.77 0.97 18.67
C ARG A 91 8.19 -0.03 19.66
N GLY A 92 7.20 -0.78 19.21
CA GLY A 92 6.56 -1.74 20.07
C GLY A 92 5.45 -1.03 20.81
N MET A 93 4.32 -1.72 20.99
CA MET A 93 3.18 -1.16 21.69
C MET A 93 3.57 -0.76 23.11
N PRO A 94 3.13 0.43 23.55
CA PRO A 94 3.45 0.91 24.90
C PRO A 94 3.07 -0.14 25.94
N VAL A 95 3.99 -0.40 26.86
CA VAL A 95 3.77 -1.40 27.90
C VAL A 95 3.49 -0.79 29.27
N ASP A 96 2.81 0.35 29.26
CA ASP A 96 2.46 1.02 30.50
C ASP A 96 1.00 0.73 30.90
N ILE A 97 0.60 1.19 32.08
CA ILE A 97 -0.74 0.96 32.59
C ILE A 97 -1.61 2.22 32.56
N HIS A 98 -2.84 2.08 32.10
CA HIS A 98 -3.77 3.21 32.03
C HIS A 98 -4.10 3.63 33.47
N PRO A 99 -3.83 4.89 33.83
CA PRO A 99 -4.09 5.41 35.17
C PRO A 99 -5.53 5.33 35.66
N GLU A 100 -6.48 5.44 34.74
CA GLU A 100 -7.89 5.36 35.09
C GLU A 100 -8.43 3.94 35.02
N GLU A 101 -8.18 3.28 33.89
CA GLU A 101 -8.66 1.92 33.69
C GLU A 101 -7.89 0.93 34.56
N LYS A 102 -6.67 1.28 34.92
CA LYS A 102 -5.82 0.44 35.74
C LYS A 102 -5.52 -0.90 35.07
N ILE A 103 -5.48 -0.90 33.75
CA ILE A 103 -5.15 -2.11 33.01
C ILE A 103 -4.16 -1.71 31.93
N PRO A 104 -3.39 -2.68 31.41
CA PRO A 104 -2.41 -2.36 30.37
C PRO A 104 -2.98 -1.66 29.13
N GLY A 105 -2.29 -0.65 28.65
CA GLY A 105 -2.74 0.05 27.47
C GLY A 105 -2.95 -0.91 26.31
N VAL A 106 -2.14 -1.97 26.23
CA VAL A 106 -2.27 -2.93 25.15
C VAL A 106 -3.59 -3.69 25.25
N GLU A 107 -4.05 -3.89 26.47
CA GLU A 107 -5.31 -4.59 26.70
C GLU A 107 -6.48 -3.72 26.24
N LEU A 108 -6.43 -2.43 26.53
CA LEU A 108 -7.50 -1.52 26.13
C LEU A 108 -7.61 -1.49 24.61
N ILE A 109 -6.46 -1.47 23.94
CA ILE A 109 -6.41 -1.44 22.48
C ILE A 109 -7.02 -2.70 21.87
N LEU A 110 -6.73 -3.87 22.45
CA LEU A 110 -7.29 -5.10 21.91
C LEU A 110 -8.68 -5.51 22.38
N THR A 111 -9.23 -4.81 23.38
CA THR A 111 -10.55 -5.16 23.90
C THR A 111 -11.62 -4.08 23.83
N ARG A 112 -11.26 -2.92 23.30
CA ARG A 112 -12.21 -1.82 23.17
C ARG A 112 -12.28 -1.39 21.71
N LEU A 130 -13.01 -2.58 3.81
CA LEU A 130 -12.81 -2.03 5.16
C LEU A 130 -11.34 -1.76 5.47
N HIS A 131 -11.07 -0.59 6.03
CA HIS A 131 -9.71 -0.20 6.39
C HIS A 131 -9.72 0.62 7.68
N GLY A 132 -8.80 0.30 8.58
CA GLY A 132 -8.68 1.00 9.85
C GLY A 132 -9.74 0.70 10.88
N VAL A 133 -10.19 -0.56 10.92
CA VAL A 133 -11.21 -0.96 11.87
C VAL A 133 -10.61 -1.17 13.26
N GLY A 134 -9.31 -1.46 13.31
CA GLY A 134 -8.64 -1.67 14.58
C GLY A 134 -8.32 -3.13 14.86
N VAL A 135 -7.24 -3.35 15.61
CA VAL A 135 -6.81 -4.68 15.95
C VAL A 135 -7.79 -5.37 16.91
N SER A 136 -8.64 -4.60 17.58
CA SER A 136 -9.60 -5.18 18.51
C SER A 136 -10.57 -6.11 17.77
N VAL A 137 -10.83 -5.81 16.49
CA VAL A 137 -11.70 -6.64 15.68
C VAL A 137 -11.05 -8.00 15.48
N VAL A 138 -9.73 -8.01 15.33
CA VAL A 138 -8.99 -9.26 15.14
C VAL A 138 -9.12 -10.10 16.41
N ASN A 139 -8.94 -9.45 17.57
CA ASN A 139 -9.05 -10.15 18.84
C ASN A 139 -10.46 -10.69 19.07
N ALA A 140 -11.47 -9.89 18.75
CA ALA A 140 -12.86 -10.31 18.95
C ALA A 140 -13.26 -11.52 18.12
N LEU A 141 -12.67 -11.67 16.94
CA LEU A 141 -13.04 -12.80 16.10
C LEU A 141 -12.02 -13.93 16.13
N SER A 142 -11.18 -13.96 17.17
CA SER A 142 -10.14 -14.99 17.32
C SER A 142 -10.28 -15.80 18.60
N THR A 143 -10.10 -17.11 18.52
CA THR A 143 -10.20 -17.90 19.75
C THR A 143 -9.00 -17.60 20.63
N LYS A 144 -7.92 -17.12 20.00
CA LYS A 144 -6.74 -16.81 20.77
C LYS A 144 -5.86 -15.76 20.08
N VAL A 145 -5.23 -14.94 20.89
CA VAL A 145 -4.31 -13.94 20.40
C VAL A 145 -3.15 -13.87 21.40
N GLU A 146 -1.93 -13.92 20.87
CA GLU A 146 -0.75 -13.84 21.71
C GLU A 146 0.18 -12.81 21.10
N LEU A 147 0.65 -11.88 21.93
CA LEU A 147 1.56 -10.87 21.43
C LEU A 147 2.79 -10.74 22.31
N PHE A 148 3.91 -10.42 21.65
CA PHE A 148 5.17 -10.21 22.34
C PHE A 148 5.61 -8.80 21.95
N ILE A 149 5.98 -8.01 22.95
CA ILE A 149 6.41 -6.64 22.72
C ILE A 149 7.80 -6.43 23.29
N LYS A 150 8.71 -5.95 22.45
CA LYS A 150 10.05 -5.67 22.90
C LYS A 150 10.10 -4.16 23.00
N ARG A 151 10.36 -3.65 24.19
CA ARG A 151 10.39 -2.20 24.40
C ARG A 151 11.03 -1.86 25.72
N GLU A 152 11.85 -0.80 25.72
CA GLU A 152 12.54 -0.33 26.93
C GLU A 152 13.41 -1.38 27.58
N GLY A 153 14.09 -2.18 26.75
CA GLY A 153 14.99 -3.18 27.27
C GLY A 153 14.36 -4.47 27.77
N SER A 154 13.05 -4.63 27.61
CA SER A 154 12.42 -5.87 28.05
C SER A 154 11.47 -6.43 26.99
N GLU A 155 11.22 -7.73 27.09
CA GLU A 155 10.30 -8.40 26.19
C GLU A 155 9.09 -8.76 27.03
N HIS A 156 7.92 -8.33 26.56
CA HIS A 156 6.67 -8.56 27.26
C HIS A 156 5.74 -9.48 26.51
N ARG A 157 4.81 -10.09 27.23
CA ARG A 157 3.85 -11.00 26.63
C ARG A 157 2.45 -10.83 27.20
N MET A 158 1.46 -10.99 26.34
CA MET A 158 0.07 -10.92 26.77
C MET A 158 -0.76 -11.82 25.87
N GLU A 159 -1.73 -12.50 26.49
CA GLU A 159 -2.58 -13.43 25.77
C GLU A 159 -4.05 -13.08 25.94
N PHE A 160 -4.84 -13.39 24.92
CA PHE A 160 -6.26 -13.13 24.94
C PHE A 160 -6.94 -14.39 24.44
N ARG A 161 -8.16 -14.61 24.92
CA ARG A 161 -8.93 -15.78 24.53
C ARG A 161 -10.35 -15.32 24.27
N ASP A 162 -10.85 -15.60 23.07
CA ASP A 162 -12.18 -15.20 22.65
C ASP A 162 -12.39 -13.70 22.94
N GLY A 163 -11.34 -12.92 22.70
CA GLY A 163 -11.41 -11.48 22.91
C GLY A 163 -11.16 -11.00 24.33
N ASN A 164 -11.15 -11.89 25.31
CA ASN A 164 -10.91 -11.47 26.68
C ASN A 164 -9.46 -11.69 27.13
N ALA A 165 -8.95 -10.80 27.96
CA ALA A 165 -7.60 -10.96 28.46
C ALA A 165 -7.50 -12.34 29.11
N ALA A 166 -6.47 -13.09 28.76
CA ALA A 166 -6.26 -14.42 29.32
C ALA A 166 -4.98 -14.46 30.15
N SER A 167 -4.36 -13.30 30.32
CA SER A 167 -3.14 -13.20 31.13
C SER A 167 -2.91 -11.74 31.46
N LYS A 168 -1.87 -11.50 32.24
CA LYS A 168 -1.48 -10.16 32.61
C LYS A 168 -0.34 -9.79 31.65
N LEU A 169 0.12 -8.54 31.71
CA LEU A 169 1.22 -8.13 30.88
C LEU A 169 2.44 -8.67 31.61
N GLU A 170 3.05 -9.71 31.04
CA GLU A 170 4.19 -10.38 31.63
C GLU A 170 5.55 -9.92 31.09
N VAL A 171 6.56 -9.87 31.98
CA VAL A 171 7.93 -9.51 31.61
C VAL A 171 8.54 -10.89 31.39
N VAL A 172 8.75 -11.26 30.13
CA VAL A 172 9.26 -12.60 29.84
C VAL A 172 10.69 -12.65 29.29
N GLY A 173 11.30 -11.50 29.08
CA GLY A 173 12.66 -11.49 28.56
C GLY A 173 13.35 -10.16 28.75
N THR A 174 14.67 -10.17 28.60
CA THR A 174 15.50 -8.96 28.71
C THR A 174 16.23 -8.85 27.37
N VAL A 175 16.18 -7.67 26.77
CA VAL A 175 16.81 -7.45 25.47
C VAL A 175 17.59 -6.14 25.40
N GLY A 176 18.34 -5.94 24.32
CA GLY A 176 19.08 -4.71 24.14
C GLY A 176 18.15 -3.53 24.04
N LYS A 177 18.68 -2.33 24.32
CA LYS A 177 17.88 -1.10 24.25
C LYS A 177 17.35 -0.84 22.84
N LYS A 178 18.14 -1.18 21.84
CA LYS A 178 17.73 -0.98 20.44
C LYS A 178 16.84 -2.09 19.90
N ASN A 179 16.73 -3.20 20.62
CA ASN A 179 15.91 -4.33 20.16
C ASN A 179 14.45 -4.10 20.58
N THR A 180 13.67 -3.52 19.68
CA THR A 180 12.26 -3.22 19.93
C THR A 180 11.36 -3.76 18.82
N GLY A 181 10.06 -3.82 19.10
CA GLY A 181 9.14 -4.31 18.09
C GLY A 181 7.91 -4.99 18.65
N THR A 182 7.00 -5.33 17.75
CA THR A 182 5.78 -6.00 18.13
C THR A 182 5.53 -7.18 17.20
N ARG A 183 4.98 -8.25 17.77
CA ARG A 183 4.62 -9.44 17.02
C ARG A 183 3.28 -9.86 17.63
N LEU A 184 2.31 -10.09 16.75
CA LEU A 184 0.98 -10.48 17.15
C LEU A 184 0.54 -11.67 16.31
N ARG A 185 0.19 -12.75 16.98
CA ARG A 185 -0.25 -13.97 16.33
C ARG A 185 -1.71 -14.20 16.74
N PHE A 186 -2.58 -14.43 15.77
CA PHE A 186 -3.99 -14.65 16.08
C PHE A 186 -4.51 -15.93 15.45
N TRP A 187 -5.44 -16.55 16.15
CA TRP A 187 -6.08 -17.78 15.72
C TRP A 187 -7.55 -17.47 15.45
N ALA A 188 -7.84 -17.15 14.20
CA ALA A 188 -9.21 -16.81 13.80
C ALA A 188 -10.18 -17.93 14.19
N ASP A 189 -11.35 -17.55 14.70
CA ASP A 189 -12.37 -18.52 15.09
C ASP A 189 -13.10 -18.88 13.80
N PRO A 190 -12.92 -20.12 13.32
CA PRO A 190 -13.57 -20.55 12.07
C PRO A 190 -15.09 -20.37 11.99
N LYS A 191 -15.78 -20.33 13.13
CA LYS A 191 -17.24 -20.16 13.11
C LYS A 191 -17.73 -18.83 12.55
N TYR A 192 -16.82 -17.88 12.36
CA TYR A 192 -17.20 -16.58 11.82
C TYR A 192 -16.90 -16.47 10.33
N PHE A 193 -16.08 -17.37 9.80
CA PHE A 193 -15.71 -17.30 8.38
C PHE A 193 -16.18 -18.48 7.53
N ASP A 194 -16.41 -18.22 6.25
CA ASP A 194 -16.84 -19.29 5.36
C ASP A 194 -15.73 -20.35 5.38
N THR A 195 -14.49 -19.90 5.48
CA THR A 195 -13.34 -20.79 5.52
C THR A 195 -12.19 -20.17 6.33
N PRO A 196 -11.42 -21.00 7.05
CA PRO A 196 -10.30 -20.50 7.85
C PRO A 196 -9.04 -20.31 7.02
N LYS A 197 -9.05 -20.84 5.80
CA LYS A 197 -7.90 -20.75 4.91
C LYS A 197 -7.66 -19.34 4.36
N PHE A 198 -6.39 -18.99 4.25
CA PHE A 198 -6.01 -17.67 3.73
C PHE A 198 -5.78 -17.75 2.22
N ASN A 199 -6.08 -16.65 1.53
CA ASN A 199 -5.82 -16.59 0.11
C ASN A 199 -4.40 -16.07 0.10
N VAL A 200 -3.43 -16.98 0.02
CA VAL A 200 -2.02 -16.59 0.05
C VAL A 200 -1.63 -15.66 -1.10
N ARG A 201 -2.14 -15.95 -2.29
CA ARG A 201 -1.82 -15.14 -3.47
C ARG A 201 -2.24 -13.68 -3.26
N ALA A 202 -3.43 -13.47 -2.72
CA ALA A 202 -3.91 -12.12 -2.48
C ALA A 202 -3.03 -11.43 -1.43
N LEU A 203 -2.59 -12.21 -0.44
CA LEU A 203 -1.74 -11.67 0.62
C LEU A 203 -0.36 -11.31 0.09
N ARG A 204 0.15 -12.10 -0.85
CA ARG A 204 1.46 -11.84 -1.44
C ARG A 204 1.45 -10.48 -2.13
N HIS A 205 0.40 -10.25 -2.92
CA HIS A 205 0.26 -8.99 -3.65
C HIS A 205 0.18 -7.80 -2.71
N LEU A 206 -0.59 -7.97 -1.63
CA LEU A 206 -0.77 -6.91 -0.65
C LEU A 206 0.51 -6.60 0.12
N LEU A 207 1.25 -7.63 0.49
CA LEU A 207 2.50 -7.42 1.24
C LEU A 207 3.54 -6.76 0.36
N ARG A 208 3.58 -7.14 -0.92
CA ARG A 208 4.55 -6.54 -1.83
C ARG A 208 4.26 -5.04 -1.96
N ALA A 209 2.98 -4.70 -2.03
CA ALA A 209 2.59 -3.30 -2.14
C ALA A 209 3.16 -2.47 -0.99
N LYS A 210 3.15 -3.02 0.22
CA LYS A 210 3.69 -2.30 1.38
C LYS A 210 5.16 -1.93 1.16
N ALA A 211 5.95 -2.85 0.60
CA ALA A 211 7.35 -2.58 0.35
C ALA A 211 7.49 -1.54 -0.77
N VAL A 212 6.59 -1.61 -1.75
CA VAL A 212 6.60 -0.68 -2.86
C VAL A 212 6.28 0.74 -2.37
N LEU A 213 5.19 0.84 -1.59
CA LEU A 213 4.72 2.11 -1.05
C LEU A 213 5.51 2.69 0.12
N CYS A 214 6.39 1.90 0.72
CA CYS A 214 7.22 2.39 1.82
C CYS A 214 8.67 2.03 1.50
N PRO A 215 9.36 2.91 0.76
CA PRO A 215 10.77 2.71 0.36
C PRO A 215 11.71 2.32 1.48
N GLY A 216 12.44 1.23 1.30
CA GLY A 216 13.39 0.82 2.34
C GLY A 216 12.85 -0.19 3.32
N LEU A 217 11.55 -0.43 3.28
CA LEU A 217 10.92 -1.40 4.16
C LEU A 217 11.08 -2.81 3.57
N THR A 218 11.49 -3.77 4.39
CA THR A 218 11.63 -5.15 3.91
C THR A 218 10.42 -5.94 4.40
N VAL A 219 9.67 -6.56 3.51
CA VAL A 219 8.49 -7.32 3.89
C VAL A 219 8.69 -8.79 3.52
N LYS A 220 8.45 -9.68 4.48
CA LYS A 220 8.62 -11.11 4.24
C LYS A 220 7.33 -11.88 4.54
N LEU A 221 7.17 -13.02 3.86
CA LEU A 221 6.02 -13.89 4.04
C LEU A 221 6.52 -15.32 4.12
N HIS A 222 6.00 -16.06 5.10
CA HIS A 222 6.40 -17.44 5.27
C HIS A 222 5.14 -18.30 5.39
N ASP A 223 4.92 -19.18 4.43
CA ASP A 223 3.75 -20.06 4.43
C ASP A 223 4.22 -21.42 4.92
N GLU A 224 3.88 -21.75 6.17
CA GLU A 224 4.31 -23.01 6.76
C GLU A 224 3.74 -24.24 6.06
N ALA A 225 2.54 -24.10 5.52
CA ALA A 225 1.91 -25.22 4.83
C ALA A 225 2.77 -25.73 3.68
N THR A 226 3.28 -24.80 2.89
CA THR A 226 4.10 -25.14 1.71
C THR A 226 5.60 -25.00 1.93
N GLY A 227 5.98 -24.17 2.89
CA GLY A 227 7.38 -23.95 3.15
C GLY A 227 7.90 -22.80 2.28
N GLU A 228 7.04 -22.25 1.43
CA GLU A 228 7.44 -21.16 0.55
C GLU A 228 7.71 -19.83 1.27
N GLN A 229 8.79 -19.17 0.89
CA GLN A 229 9.14 -17.89 1.50
C GLN A 229 9.26 -16.78 0.45
N ASP A 230 8.88 -15.57 0.84
CA ASP A 230 8.94 -14.41 -0.05
C ASP A 230 9.53 -13.22 0.68
N SER A 231 10.26 -12.39 -0.05
CA SER A 231 10.86 -11.21 0.54
C SER A 231 10.81 -10.09 -0.48
N TRP A 232 10.25 -8.96 -0.09
CA TRP A 232 10.14 -7.79 -0.97
C TRP A 232 10.85 -6.62 -0.35
N TYR A 233 11.54 -5.86 -1.20
CA TYR A 233 12.31 -4.69 -0.79
C TYR A 233 12.56 -3.84 -2.04
N PHE A 234 12.34 -2.53 -1.93
CA PHE A 234 12.54 -1.61 -3.03
C PHE A 234 13.17 -0.34 -2.48
N GLU A 235 14.49 -0.21 -2.61
CA GLU A 235 15.18 0.96 -2.09
C GLU A 235 14.56 2.30 -2.50
N ASN A 236 14.25 2.43 -3.79
CA ASN A 236 13.64 3.66 -4.34
C ASN A 236 12.13 3.66 -4.20
N GLY A 237 11.55 2.49 -4.02
CA GLY A 237 10.11 2.38 -3.90
C GLY A 237 9.48 2.16 -5.27
N LEU A 238 8.64 3.10 -5.69
CA LEU A 238 7.95 3.02 -6.97
C LEU A 238 8.80 2.74 -8.20
N ARG A 239 9.89 3.48 -8.37
CA ARG A 239 10.73 3.28 -9.55
C ARG A 239 11.35 1.88 -9.64
N ASP A 240 11.96 1.39 -8.56
CA ASP A 240 12.55 0.07 -8.58
C ASP A 240 11.52 -1.00 -8.87
N TYR A 241 10.36 -0.87 -8.26
CA TYR A 241 9.31 -1.85 -8.47
C TYR A 241 8.83 -1.85 -9.92
N LEU A 242 8.51 -0.68 -10.46
CA LEU A 242 8.03 -0.60 -11.83
C LEU A 242 9.11 -1.04 -12.80
N LYS A 243 10.34 -0.61 -12.54
CA LYS A 243 11.47 -0.99 -13.39
C LYS A 243 11.59 -2.53 -13.46
N GLY A 244 11.50 -3.19 -12.32
CA GLY A 244 11.61 -4.65 -12.29
C GLY A 244 10.47 -5.37 -12.98
N GLU A 245 9.25 -4.84 -12.83
CA GLU A 245 8.07 -5.43 -13.44
C GLU A 245 8.01 -5.27 -14.95
N MET A 246 8.79 -4.33 -15.49
CA MET A 246 8.80 -4.09 -16.92
C MET A 246 10.15 -4.38 -17.56
N ALA A 247 11.05 -4.99 -16.80
CA ALA A 247 12.39 -5.32 -17.26
C ALA A 247 12.43 -6.09 -18.59
N GLU A 248 11.34 -6.77 -18.93
CA GLU A 248 11.28 -7.53 -20.17
C GLU A 248 10.96 -6.71 -21.41
N HIS A 249 10.48 -5.49 -21.22
CA HIS A 249 10.12 -4.65 -22.36
C HIS A 249 10.92 -3.37 -22.46
N GLU A 250 11.05 -2.85 -23.68
CA GLU A 250 11.76 -1.60 -23.89
C GLU A 250 10.74 -0.49 -23.64
N MET A 251 11.18 0.59 -23.00
CA MET A 251 10.28 1.69 -22.73
C MET A 251 11.00 3.03 -22.74
N LEU A 252 10.21 4.10 -22.75
CA LEU A 252 10.70 5.46 -22.75
C LEU A 252 10.04 6.25 -21.61
N PRO A 253 10.84 6.81 -20.70
CA PRO A 253 12.31 6.73 -20.67
C PRO A 253 12.72 5.30 -20.29
N ALA A 254 13.93 4.90 -20.66
CA ALA A 254 14.41 3.55 -20.33
C ALA A 254 14.32 3.28 -18.83
N ASP A 255 14.65 4.28 -18.03
CA ASP A 255 14.60 4.16 -16.58
C ASP A 255 13.36 4.84 -15.98
N LEU A 256 12.35 5.06 -16.82
CA LEU A 256 11.10 5.67 -16.41
C LEU A 256 11.16 7.17 -16.21
N PHE A 257 9.99 7.79 -16.01
CA PHE A 257 9.91 9.21 -15.75
C PHE A 257 9.32 9.22 -14.35
N VAL A 258 10.05 9.80 -13.40
CA VAL A 258 9.60 9.86 -12.02
C VAL A 258 9.38 11.28 -11.53
N GLY A 259 8.52 11.43 -10.53
CA GLY A 259 8.24 12.75 -9.99
C GLY A 259 7.53 12.64 -8.65
N SER A 260 7.48 13.76 -7.94
CA SER A 260 6.83 13.80 -6.64
C SER A 260 6.61 15.25 -6.23
N LEU A 261 5.58 15.48 -5.43
CA LEU A 261 5.27 16.83 -4.96
C LEU A 261 4.55 16.75 -3.62
N LYS A 262 4.95 17.62 -2.69
CA LYS A 262 4.35 17.67 -1.37
C LYS A 262 3.76 19.07 -1.18
N LYS A 263 2.49 19.12 -0.80
CA LYS A 263 1.82 20.39 -0.58
C LYS A 263 1.23 20.39 0.83
N ASP A 264 2.11 20.18 1.80
CA ASP A 264 1.78 20.16 3.21
C ASP A 264 0.67 19.24 3.75
N THR A 265 -0.15 18.66 2.87
CA THR A 265 -1.22 17.77 3.31
C THR A 265 -1.31 16.75 2.18
N GLU A 266 -1.19 17.23 0.95
CA GLU A 266 -1.26 16.39 -0.23
C GLU A 266 0.16 15.99 -0.64
N ILE A 267 0.36 14.71 -0.90
CA ILE A 267 1.66 14.22 -1.31
C ILE A 267 1.44 13.24 -2.43
N VAL A 268 2.14 13.45 -3.56
CA VAL A 268 2.00 12.54 -4.69
C VAL A 268 3.35 12.02 -5.14
N ASP A 269 3.36 10.78 -5.60
CA ASP A 269 4.58 10.13 -6.08
C ASP A 269 4.15 9.23 -7.24
N TRP A 270 4.97 9.20 -8.29
CA TRP A 270 4.64 8.37 -9.45
C TRP A 270 5.87 7.93 -10.25
N ALA A 271 5.66 6.94 -11.11
CA ALA A 271 6.69 6.41 -12.01
C ALA A 271 5.89 6.03 -13.24
N ALA A 272 6.35 6.45 -14.41
CA ALA A 272 5.63 6.13 -15.65
C ALA A 272 6.56 5.98 -16.84
N GLY A 273 6.11 5.23 -17.83
CA GLY A 273 6.89 5.02 -19.03
C GLY A 273 5.97 4.67 -20.18
N TRP A 274 6.47 4.81 -21.40
CA TRP A 274 5.67 4.47 -22.57
C TRP A 274 6.27 3.18 -23.13
N VAL A 275 5.43 2.17 -23.28
CA VAL A 275 5.85 0.86 -23.75
C VAL A 275 5.18 0.52 -25.07
N PRO A 276 5.97 0.53 -26.16
CA PRO A 276 5.43 0.22 -27.50
C PRO A 276 4.78 -1.17 -27.55
N GLU A 277 5.47 -2.17 -27.00
CA GLU A 277 4.94 -3.53 -27.01
C GLU A 277 5.04 -4.20 -25.65
N GLY A 278 3.97 -4.85 -25.23
CA GLY A 278 3.99 -5.53 -23.94
C GLY A 278 2.83 -5.19 -23.03
N GLU A 279 2.61 -6.05 -22.04
CA GLU A 279 1.53 -5.86 -21.08
C GLU A 279 1.90 -4.72 -20.15
N LEU A 280 0.97 -3.80 -19.92
CA LEU A 280 1.22 -2.64 -19.08
C LEU A 280 0.84 -2.80 -17.61
N VAL A 281 1.68 -2.26 -16.73
CA VAL A 281 1.37 -2.29 -15.31
C VAL A 281 0.72 -0.93 -15.03
N GLN A 282 -0.47 -0.95 -14.42
CA GLN A 282 -1.17 0.27 -14.08
C GLN A 282 -1.77 0.15 -12.68
N GLU A 283 -1.09 0.74 -11.70
CA GLU A 283 -1.52 0.68 -10.30
C GLU A 283 -1.56 2.03 -9.62
N SER A 284 -2.67 2.30 -8.95
CA SER A 284 -2.81 3.56 -8.25
C SER A 284 -3.24 3.31 -6.80
N TYR A 285 -2.84 4.22 -5.93
CA TYR A 285 -3.14 4.09 -4.52
C TYR A 285 -3.46 5.45 -3.88
N VAL A 286 -4.26 5.38 -2.81
CA VAL A 286 -4.62 6.57 -2.05
C VAL A 286 -4.43 6.16 -0.59
N ASN A 287 -3.47 6.79 0.08
CA ASN A 287 -3.16 6.45 1.46
C ASN A 287 -2.89 4.96 1.59
N LEU A 288 -2.13 4.41 0.64
CA LEU A 288 -1.77 3.00 0.64
C LEU A 288 -2.94 2.08 0.26
N ILE A 289 -4.11 2.68 0.06
CA ILE A 289 -5.27 1.90 -0.32
C ILE A 289 -5.26 1.78 -1.85
N PRO A 290 -5.30 0.55 -2.38
CA PRO A 290 -5.30 0.33 -3.82
C PRO A 290 -6.62 0.69 -4.46
N THR A 291 -6.57 1.47 -5.54
CA THR A 291 -7.78 1.88 -6.26
C THR A 291 -7.80 1.14 -7.61
N ALA A 292 -8.30 -0.09 -7.60
CA ALA A 292 -8.38 -0.92 -8.80
C ALA A 292 -9.05 -0.23 -9.98
N GLN A 293 -9.96 0.70 -9.69
CA GLN A 293 -10.67 1.42 -10.74
C GLN A 293 -10.10 2.81 -10.93
N HIS A 294 -8.88 3.01 -10.43
CA HIS A 294 -8.19 4.30 -10.52
C HIS A 294 -9.07 5.46 -10.09
N GLY A 295 -9.23 6.45 -10.94
CA GLY A 295 -10.05 7.58 -10.58
C GLY A 295 -9.46 8.96 -10.79
N THR A 296 -9.95 9.91 -10.02
CA THR A 296 -9.56 11.31 -10.09
C THR A 296 -8.05 11.60 -10.02
N HIS A 297 -7.33 10.85 -9.19
CA HIS A 297 -5.88 11.05 -9.09
C HIS A 297 -5.19 10.57 -10.38
N VAL A 298 -5.67 9.48 -10.94
CA VAL A 298 -5.08 8.99 -12.19
C VAL A 298 -5.47 9.95 -13.32
N ASN A 299 -6.70 10.47 -13.29
CA ASN A 299 -7.12 11.42 -14.32
C ASN A 299 -6.20 12.64 -14.30
N GLY A 300 -5.83 13.08 -13.10
CA GLY A 300 -4.95 14.22 -12.97
C GLY A 300 -3.59 13.94 -13.60
N LEU A 301 -3.03 12.78 -13.30
CA LEU A 301 -1.73 12.39 -13.83
C LEU A 301 -1.78 12.38 -15.35
N ARG A 302 -2.78 11.69 -15.88
CA ARG A 302 -2.99 11.58 -17.32
C ARG A 302 -3.16 12.96 -17.97
N SER A 303 -4.03 13.77 -17.38
CA SER A 303 -4.29 15.09 -17.91
C SER A 303 -3.02 15.96 -17.91
N GLY A 304 -2.27 15.91 -16.81
CA GLY A 304 -1.04 16.68 -16.71
C GLY A 304 0.08 16.25 -17.65
N LEU A 305 0.23 14.95 -17.89
CA LEU A 305 1.26 14.46 -18.81
C LEU A 305 0.84 14.78 -20.24
N THR A 306 -0.46 14.74 -20.48
CA THR A 306 -0.98 15.01 -21.82
C THR A 306 -0.72 16.48 -22.20
N ASP A 307 -1.05 17.40 -21.30
CA ASP A 307 -0.83 18.81 -21.59
C ASP A 307 0.65 19.11 -21.82
N ALA A 308 1.52 18.53 -21.01
CA ALA A 308 2.94 18.77 -21.17
C ALA A 308 3.41 18.25 -22.54
N LEU A 309 2.97 17.05 -22.90
CA LEU A 309 3.37 16.47 -24.18
C LEU A 309 2.79 17.25 -25.36
N ARG A 310 1.56 17.73 -25.24
CA ARG A 310 0.97 18.51 -26.34
C ARG A 310 1.72 19.83 -26.54
N GLU A 311 2.07 20.49 -25.44
CA GLU A 311 2.81 21.75 -25.54
C GLU A 311 4.16 21.48 -26.17
N PHE A 312 4.76 20.34 -25.81
CA PHE A 312 6.06 19.95 -26.34
C PHE A 312 5.96 19.73 -27.85
N CYS A 313 4.91 19.03 -28.29
CA CYS A 313 4.73 18.76 -29.72
C CYS A 313 4.47 20.04 -30.49
N ASP A 314 3.87 21.02 -29.81
CA ASP A 314 3.56 22.29 -30.43
C ASP A 314 4.82 23.11 -30.66
N PHE A 315 5.62 23.27 -29.63
CA PHE A 315 6.85 24.04 -29.76
C PHE A 315 7.81 23.40 -30.74
N ARG A 316 8.00 22.09 -30.65
CA ARG A 316 8.90 21.35 -31.53
C ARG A 316 8.30 21.12 -32.91
N ASN A 317 7.04 21.50 -33.09
CA ASN A 317 6.35 21.34 -34.36
C ASN A 317 6.45 19.91 -34.88
N LEU A 318 6.00 18.96 -34.05
CA LEU A 318 6.08 17.55 -34.42
C LEU A 318 4.77 16.98 -34.95
N LEU A 319 3.71 17.76 -34.85
CA LEU A 319 2.41 17.27 -35.29
C LEU A 319 2.23 17.28 -36.80
N PRO A 320 1.83 16.13 -37.37
CA PRO A 320 1.60 16.04 -38.81
C PRO A 320 0.40 16.91 -39.17
N ARG A 321 0.23 17.18 -40.45
CA ARG A 321 -0.88 18.00 -40.93
C ARG A 321 -2.23 17.47 -40.41
N GLY A 322 -3.00 18.35 -39.79
CA GLY A 322 -4.31 18.00 -39.27
C GLY A 322 -4.36 16.99 -38.14
N VAL A 323 -3.23 16.77 -37.47
CA VAL A 323 -3.20 15.82 -36.37
C VAL A 323 -3.10 16.50 -35.02
N LYS A 324 -3.95 16.09 -34.09
CA LYS A 324 -3.94 16.65 -32.74
C LYS A 324 -3.93 15.49 -31.75
N LEU A 325 -3.19 15.64 -30.66
CA LEU A 325 -3.12 14.57 -29.68
C LEU A 325 -4.31 14.56 -28.72
N ALA A 326 -4.90 13.38 -28.54
CA ALA A 326 -6.01 13.22 -27.62
C ALA A 326 -5.40 12.52 -26.41
N PRO A 327 -5.97 12.74 -25.22
CA PRO A 327 -5.43 12.10 -24.02
C PRO A 327 -5.25 10.59 -24.19
N GLU A 328 -6.19 9.96 -24.89
CA GLU A 328 -6.09 8.51 -25.12
C GLU A 328 -4.83 8.14 -25.90
N ASP A 329 -4.39 9.02 -26.81
CA ASP A 329 -3.19 8.73 -27.59
C ASP A 329 -1.97 8.69 -26.68
N VAL A 330 -1.95 9.59 -25.71
CA VAL A 330 -0.85 9.68 -24.78
C VAL A 330 -0.89 8.57 -23.74
N TRP A 331 -2.10 8.23 -23.28
CA TRP A 331 -2.27 7.21 -22.23
C TRP A 331 -2.30 5.75 -22.67
N ASP A 332 -2.61 5.52 -23.93
CA ASP A 332 -2.73 4.16 -24.46
C ASP A 332 -1.59 3.20 -24.13
N ARG A 333 -0.36 3.65 -24.28
CA ARG A 333 0.79 2.78 -24.03
C ARG A 333 1.55 3.11 -22.74
N VAL A 334 0.88 3.76 -21.79
CA VAL A 334 1.53 4.15 -20.55
C VAL A 334 1.50 3.11 -19.42
N THR A 335 2.65 2.86 -18.82
CA THR A 335 2.75 1.94 -17.69
C THR A 335 3.05 2.87 -16.52
N PHE A 336 2.40 2.67 -15.38
CA PHE A 336 2.65 3.56 -14.25
C PHE A 336 2.29 2.98 -12.89
N VAL A 337 2.74 3.67 -11.87
CA VAL A 337 2.44 3.34 -10.48
C VAL A 337 2.27 4.73 -9.88
N LEU A 338 1.12 4.97 -9.27
CA LEU A 338 0.80 6.26 -8.68
C LEU A 338 0.40 6.11 -7.23
N SER A 339 1.01 6.91 -6.36
CA SER A 339 0.71 6.88 -4.94
C SER A 339 0.34 8.27 -4.39
N LEU A 340 -0.90 8.42 -3.97
CA LEU A 340 -1.37 9.69 -3.42
C LEU A 340 -1.65 9.60 -1.92
N LYS A 341 -1.33 10.67 -1.20
CA LYS A 341 -1.60 10.73 0.22
C LYS A 341 -2.35 12.04 0.46
N MET A 342 -3.60 11.91 0.91
CA MET A 342 -4.43 13.08 1.16
C MET A 342 -5.30 12.82 2.38
N THR A 343 -5.86 13.90 2.93
CA THR A 343 -6.71 13.81 4.10
C THR A 343 -8.15 13.48 3.74
N ASP A 344 -8.67 12.44 4.37
CA ASP A 344 -10.04 11.99 4.18
C ASP A 344 -10.48 11.93 2.71
N PRO A 345 -9.97 10.94 1.97
CA PRO A 345 -10.31 10.77 0.55
C PRO A 345 -11.70 10.17 0.40
N GLN A 346 -12.40 10.56 -0.67
CA GLN A 346 -13.75 10.05 -0.94
C GLN A 346 -13.69 9.07 -2.11
N PHE A 347 -14.41 7.96 -1.97
CA PHE A 347 -14.41 6.93 -3.02
C PHE A 347 -15.77 6.80 -3.69
N SER A 348 -15.73 6.44 -4.97
CA SER A 348 -16.93 6.24 -5.77
C SER A 348 -16.87 4.86 -6.40
N GLY A 349 -17.84 4.54 -7.26
CA GLY A 349 -17.88 3.24 -7.90
C GLY A 349 -18.73 2.26 -7.11
N GLN A 350 -19.25 1.24 -7.78
CA GLN A 350 -20.09 0.24 -7.13
C GLN A 350 -19.36 -0.59 -6.08
N THR A 351 -18.14 -0.18 -5.71
CA THR A 351 -17.38 -0.90 -4.70
C THR A 351 -16.35 -0.01 -4.01
N LYS A 352 -16.46 1.29 -4.25
CA LYS A 352 -15.57 2.28 -3.65
C LYS A 352 -14.10 2.05 -4.03
N GLU A 353 -13.87 1.46 -5.20
CA GLU A 353 -12.52 1.18 -5.68
C GLU A 353 -12.01 2.25 -6.64
N ARG A 354 -12.62 3.42 -6.57
CA ARG A 354 -12.24 4.55 -7.42
C ARG A 354 -12.22 5.81 -6.57
N LEU A 355 -11.20 6.64 -6.76
CA LEU A 355 -11.08 7.89 -6.00
C LEU A 355 -11.95 8.96 -6.66
N SER A 356 -12.77 9.62 -5.87
CA SER A 356 -13.67 10.65 -6.36
C SER A 356 -13.24 12.08 -6.03
N SER A 357 -12.38 12.24 -5.04
CA SER A 357 -11.92 13.56 -4.63
C SER A 357 -11.43 14.44 -5.79
N ARG A 358 -12.26 15.43 -6.16
CA ARG A 358 -11.93 16.35 -7.26
C ARG A 358 -10.66 17.15 -7.01
N GLN A 359 -10.35 17.40 -5.73
CA GLN A 359 -9.16 18.14 -5.35
C GLN A 359 -7.89 17.44 -5.82
N ALA A 360 -7.89 16.11 -5.71
CA ALA A 360 -6.75 15.29 -6.11
C ALA A 360 -6.39 15.44 -7.59
N ALA A 361 -7.39 15.64 -8.44
CA ALA A 361 -7.16 15.79 -9.87
C ALA A 361 -6.32 17.02 -10.17
N GLY A 362 -6.74 18.18 -9.67
CA GLY A 362 -6.00 19.41 -9.91
C GLY A 362 -4.61 19.37 -9.30
N PHE A 363 -4.49 18.77 -8.12
CA PHE A 363 -3.20 18.68 -7.45
C PHE A 363 -2.18 17.92 -8.28
N ILE A 364 -2.52 16.69 -8.68
CA ILE A 364 -1.62 15.86 -9.45
C ILE A 364 -1.39 16.37 -10.88
N GLU A 365 -2.44 16.93 -11.49
CA GLU A 365 -2.33 17.48 -12.84
C GLU A 365 -1.24 18.54 -12.85
N GLY A 366 -1.29 19.43 -11.87
CA GLY A 366 -0.29 20.49 -11.79
C GLY A 366 1.10 19.94 -11.52
N ALA A 367 1.18 18.90 -10.70
CA ALA A 367 2.47 18.30 -10.37
C ALA A 367 3.09 17.62 -11.60
N ALA A 368 2.32 16.77 -12.26
CA ALA A 368 2.78 16.05 -13.44
C ALA A 368 3.05 16.97 -14.61
N HIS A 369 2.20 17.98 -14.78
CA HIS A 369 2.35 18.94 -15.86
C HIS A 369 3.71 19.64 -15.77
N ASP A 370 3.96 20.30 -14.64
CA ASP A 370 5.21 21.02 -14.44
C ASP A 370 6.45 20.15 -14.50
N ALA A 371 6.37 18.97 -13.89
CA ALA A 371 7.50 18.05 -13.86
C ALA A 371 7.79 17.43 -15.23
N PHE A 372 6.75 17.01 -15.95
CA PHE A 372 7.00 16.41 -17.25
C PHE A 372 7.49 17.44 -18.28
N SER A 373 6.99 18.67 -18.21
CA SER A 373 7.42 19.72 -19.13
C SER A 373 8.92 19.94 -18.91
N LEU A 374 9.32 20.02 -17.65
CA LEU A 374 10.73 20.23 -17.31
C LEU A 374 11.56 19.09 -17.89
N TYR A 375 11.16 17.86 -17.63
CA TYR A 375 11.89 16.70 -18.12
C TYR A 375 12.00 16.66 -19.65
N LEU A 376 10.87 16.84 -20.33
CA LEU A 376 10.88 16.83 -21.79
C LEU A 376 11.83 17.87 -22.36
N ASN A 377 11.80 19.07 -21.81
CA ASN A 377 12.66 20.12 -22.30
C ASN A 377 14.14 19.90 -22.07
N GLN A 378 14.48 18.97 -21.19
CA GLN A 378 15.89 18.68 -20.94
C GLN A 378 16.29 17.31 -21.48
N ASN A 379 15.37 16.65 -22.18
CA ASN A 379 15.63 15.34 -22.76
C ASN A 379 14.88 15.31 -24.09
N VAL A 380 15.31 16.16 -25.02
CA VAL A 380 14.64 16.30 -26.30
C VAL A 380 14.43 15.02 -27.09
N GLU A 381 15.51 14.27 -27.35
CA GLU A 381 15.38 13.04 -28.12
C GLU A 381 14.41 12.06 -27.48
N ILE A 382 14.60 11.79 -26.20
CA ILE A 382 13.71 10.89 -25.49
C ILE A 382 12.29 11.44 -25.58
N GLY A 383 12.18 12.75 -25.43
CA GLY A 383 10.86 13.38 -25.51
C GLY A 383 10.20 13.20 -26.87
N GLU A 384 10.97 13.37 -27.95
CA GLU A 384 10.36 13.21 -29.27
C GLU A 384 9.97 11.76 -29.54
N LYS A 385 10.66 10.79 -28.95
CA LYS A 385 10.28 9.40 -29.16
C LYS A 385 8.97 9.12 -28.42
N ILE A 386 8.79 9.74 -27.26
CA ILE A 386 7.56 9.53 -26.51
C ILE A 386 6.42 10.16 -27.30
N ALA A 387 6.67 11.37 -27.77
CA ALA A 387 5.69 12.10 -28.57
C ALA A 387 5.27 11.30 -29.79
N GLN A 388 6.26 10.67 -30.45
CA GLN A 388 5.99 9.89 -31.66
C GLN A 388 5.08 8.69 -31.37
N ILE A 389 5.22 8.10 -30.19
CA ILE A 389 4.36 6.98 -29.84
C ILE A 389 2.92 7.50 -29.81
N ALA A 390 2.70 8.65 -29.18
CA ALA A 390 1.36 9.22 -29.12
C ALA A 390 0.88 9.67 -30.50
N ILE A 391 1.78 10.29 -31.26
CA ILE A 391 1.45 10.76 -32.60
C ILE A 391 1.09 9.60 -33.51
N ASP A 392 1.77 8.48 -33.37
CA ASP A 392 1.45 7.34 -34.21
C ASP A 392 0.00 6.92 -34.03
N ARG A 393 -0.52 7.07 -32.82
CA ARG A 393 -1.92 6.70 -32.57
C ARG A 393 -2.83 7.74 -33.18
N ALA A 394 -2.53 9.01 -32.93
CA ALA A 394 -3.33 10.08 -33.47
C ALA A 394 -3.38 9.96 -35.00
N SER A 395 -2.21 9.83 -35.63
CA SER A 395 -2.14 9.71 -37.08
C SER A 395 -2.92 8.48 -37.54
N ALA A 396 -2.94 7.46 -36.69
CA ALA A 396 -3.69 6.25 -37.00
C ALA A 396 -5.09 6.48 -36.48
N ARG A 397 -5.88 7.22 -37.26
CA ARG A 397 -7.25 7.53 -36.88
C ARG A 397 -7.91 8.36 -37.96
#